data_3K4Z
#
_entry.id   3K4Z
#
_cell.length_a   60.578
_cell.length_b   94.315
_cell.length_c   113.487
_cell.angle_alpha   90.00
_cell.angle_beta   90.00
_cell.angle_gamma   90.00
#
_symmetry.space_group_name_H-M   'C 2 2 21'
#
loop_
_entity.id
_entity.type
_entity.pdbx_description
1 polymer 'Glycoside hydrolase family 9'
2 branched beta-D-glucopyranose-(1-4)-beta-D-glucopyranose
3 non-polymer 'MAGNESIUM ION'
4 non-polymer 'NICKEL (II) ION'
5 non-polymer 'OXALATE ION'
6 non-polymer 1-O-phosphono-beta-D-glucopyranose
7 water water
#
_entity_poly.entity_id   1
_entity_poly.type   'polypeptide(L)'
_entity_poly.pdbx_seq_one_letter_code
;MLEDNSSTLPPYKNDLLYERTFDEGLCYPWHTCEDSGGKCSFDVVDVPGQPGNKAFAVTVLDKGQNRWSVQMRHRGLTLE
QGHTYRVRLKIWADASCKVYIKIGQMGEPYAEYWNNKWSPYTLTAGKVLEIDETFVMDKPTDDTCEFTFHLGGELAATPP
YTVYLDDVSLYDPEYTKPVEYILPQPDVRVNQVGYLPEGKKVATVVCNSTQPVKWQLKNAAGVVVLEGYTEPKGLDKDSQ
DYVHWLDFSDFATEGIGYYFELPTVNSPTNYSHPFDIRKDILEHHHHHH
;
_entity_poly.pdbx_strand_id   A
#
loop_
_chem_comp.id
_chem_comp.type
_chem_comp.name
_chem_comp.formula
BGC D-saccharide, beta linking beta-D-glucopyranose 'C6 H12 O6'
MG non-polymer 'MAGNESIUM ION' 'Mg 2'
NI non-polymer 'NICKEL (II) ION' 'Ni 2'
OXL non-polymer 'OXALATE ION' 'C2 O4 -2'
XGP D-saccharide 1-O-phosphono-beta-D-glucopyranose 'C6 H13 O9 P'
#
# COMPACT_ATOMS: atom_id res chain seq x y z
N MET A 1 -4.65 10.18 -3.50
CA MET A 1 -3.43 10.54 -2.72
C MET A 1 -2.65 9.25 -2.46
N LEU A 2 -1.34 9.29 -2.69
CA LEU A 2 -0.52 8.08 -2.53
C LEU A 2 -0.25 7.75 -1.04
N GLU A 3 -0.19 8.77 -0.17
CA GLU A 3 -0.07 8.55 1.30
C GLU A 3 -1.12 7.53 1.80
N ASP A 4 -0.67 6.56 2.59
CA ASP A 4 -1.50 5.46 3.08
C ASP A 4 -1.92 5.56 4.55
N ASN A 5 -1.33 6.49 5.28
CA ASN A 5 -1.62 6.67 6.70
C ASN A 5 -1.56 5.34 7.48
N SER A 6 -0.62 4.45 7.12
CA SER A 6 -0.46 3.21 7.89
C SER A 6 -0.21 3.54 9.35
N SER A 7 -0.89 2.87 10.27
N SER A 7 -0.91 2.87 10.25
CA SER A 7 -0.66 3.13 11.68
CA SER A 7 -0.71 3.07 11.69
C SER A 7 0.39 2.25 12.32
C SER A 7 0.61 2.49 12.16
N THR A 8 1.08 1.42 11.52
CA THR A 8 2.20 0.61 12.05
C THR A 8 3.53 0.62 11.27
N LEU A 9 3.49 1.05 10.03
CA LEU A 9 4.68 1.15 9.25
C LEU A 9 5.36 2.52 9.45
N PRO A 10 6.66 2.62 9.12
CA PRO A 10 7.32 3.90 9.11
C PRO A 10 6.75 4.89 8.10
N PRO A 11 7.24 6.12 8.16
CA PRO A 11 6.54 7.11 7.31
C PRO A 11 6.51 6.76 5.80
N TYR A 12 5.34 6.90 5.16
CA TYR A 12 5.22 6.69 3.73
C TYR A 12 6.24 7.51 2.87
N LYS A 13 6.46 8.73 3.26
CA LYS A 13 7.36 9.61 2.48
C LYS A 13 8.80 9.06 2.42
N ASN A 14 9.20 8.28 3.43
CA ASN A 14 10.53 7.66 3.48
C ASN A 14 10.55 6.19 2.97
N ASP A 15 9.44 5.71 2.39
CA ASP A 15 9.38 4.35 1.91
C ASP A 15 9.66 4.38 0.40
N LEU A 16 10.50 3.45 -0.04
CA LEU A 16 10.81 3.33 -1.47
C LEU A 16 9.62 2.70 -2.24
N LEU A 17 8.68 2.11 -1.51
CA LEU A 17 7.51 1.50 -2.10
C LEU A 17 6.32 2.46 -2.10
N TYR A 18 5.50 2.32 -3.12
CA TYR A 18 4.36 3.20 -3.37
C TYR A 18 3.02 2.66 -2.91
N GLU A 19 2.95 1.33 -2.75
CA GLU A 19 1.80 0.65 -2.14
C GLU A 19 2.31 -0.36 -1.12
N ARG A 20 1.78 -0.29 0.08
CA ARG A 20 2.25 -1.09 1.22
C ARG A 20 1.15 -1.84 1.89
N THR A 21 -0.03 -1.23 1.99
CA THR A 21 -1.10 -1.81 2.77
C THR A 21 -2.14 -2.57 1.98
N PHE A 22 -2.37 -2.14 0.74
CA PHE A 22 -3.49 -2.60 -0.10
C PHE A 22 -4.91 -2.39 0.41
N ASP A 23 -5.08 -1.61 1.48
CA ASP A 23 -6.38 -1.56 2.21
C ASP A 23 -7.45 -0.79 1.48
N GLU A 24 -7.03 0.03 0.52
CA GLU A 24 -8.00 0.71 -0.32
C GLU A 24 -8.48 -0.14 -1.53
N GLY A 25 -7.94 -1.36 -1.63
CA GLY A 25 -8.32 -2.29 -2.75
C GLY A 25 -7.52 -2.22 -4.05
N LEU A 26 -6.50 -1.37 -4.05
CA LEU A 26 -5.58 -1.17 -5.21
C LEU A 26 -4.20 -1.76 -4.88
N CYS A 27 -3.51 -2.26 -5.90
CA CYS A 27 -2.18 -2.78 -5.67
C CYS A 27 -1.09 -2.07 -6.44
N TYR A 28 -1.41 -1.27 -7.42
CA TYR A 28 -0.39 -0.69 -8.27
C TYR A 28 0.59 0.17 -7.44
N PRO A 29 1.89 0.07 -7.72
CA PRO A 29 2.64 -0.58 -8.79
C PRO A 29 3.02 -2.07 -8.67
N TRP A 30 2.60 -2.76 -7.59
CA TRP A 30 2.79 -4.22 -7.47
C TRP A 30 2.10 -4.90 -8.64
N HIS A 31 2.73 -5.91 -9.25
CA HIS A 31 2.16 -6.63 -10.39
C HIS A 31 2.83 -8.03 -10.48
N THR A 32 2.27 -8.94 -11.24
CA THR A 32 2.84 -10.25 -11.46
C THR A 32 3.75 -10.29 -12.73
N CYS A 33 4.59 -11.31 -12.83
CA CYS A 33 5.25 -11.64 -14.08
C CYS A 33 5.23 -13.14 -14.23
N GLU A 34 4.93 -13.57 -15.45
CA GLU A 34 4.81 -14.97 -15.80
C GLU A 34 5.92 -15.23 -16.82
N ASP A 35 6.78 -16.20 -16.61
CA ASP A 35 7.89 -16.49 -17.51
C ASP A 35 8.14 -18.02 -17.58
N SER A 36 8.76 -18.48 -18.67
CA SER A 36 9.17 -19.86 -18.83
C SER A 36 8.13 -20.88 -18.27
N GLY A 37 6.90 -20.79 -18.75
CA GLY A 37 5.77 -21.74 -18.41
C GLY A 37 4.93 -21.35 -17.20
N GLY A 38 5.37 -20.34 -16.48
CA GLY A 38 4.68 -19.91 -15.28
C GLY A 38 3.39 -19.22 -15.57
N LYS A 39 2.41 -19.45 -14.69
CA LYS A 39 1.09 -18.81 -14.79
C LYS A 39 0.61 -18.43 -13.42
N CYS A 40 0.03 -17.25 -13.33
CA CYS A 40 -0.62 -16.83 -12.13
C CYS A 40 -1.67 -15.75 -12.37
N SER A 41 -2.50 -15.48 -11.35
CA SER A 41 -3.51 -14.40 -11.43
C SER A 41 -3.39 -13.61 -10.12
N PHE A 42 -3.98 -12.43 -10.10
CA PHE A 42 -3.85 -11.59 -8.89
C PHE A 42 -5.09 -10.81 -8.65
N ASP A 43 -5.25 -10.44 -7.39
CA ASP A 43 -6.37 -9.64 -6.88
C ASP A 43 -5.93 -8.95 -5.59
N VAL A 44 -6.80 -8.05 -5.08
CA VAL A 44 -6.70 -7.54 -3.70
C VAL A 44 -7.93 -8.00 -2.96
N VAL A 45 -7.75 -8.69 -1.86
CA VAL A 45 -8.86 -9.28 -1.11
C VAL A 45 -8.80 -9.06 0.38
N ASP A 46 -9.96 -9.15 1.03
CA ASP A 46 -10.01 -8.98 2.46
C ASP A 46 -9.31 -10.14 3.11
N VAL A 47 -8.73 -9.91 4.28
CA VAL A 47 -8.05 -10.92 5.05
C VAL A 47 -8.90 -11.38 6.21
N PRO A 48 -9.32 -12.67 6.20
CA PRO A 48 -10.11 -13.25 7.33
C PRO A 48 -9.40 -13.15 8.66
N GLY A 49 -10.15 -12.71 9.70
CA GLY A 49 -9.58 -12.43 10.99
C GLY A 49 -8.88 -11.10 11.14
N GLN A 50 -8.85 -10.30 10.09
CA GLN A 50 -8.22 -8.98 10.19
C GLN A 50 -9.17 -7.95 9.55
N PRO A 51 -10.23 -7.58 10.25
CA PRO A 51 -11.24 -6.71 9.64
C PRO A 51 -10.64 -5.36 9.19
N GLY A 52 -11.04 -4.88 8.03
CA GLY A 52 -10.49 -3.66 7.46
C GLY A 52 -9.23 -3.88 6.63
N ASN A 53 -8.55 -5.02 6.80
CA ASN A 53 -7.29 -5.24 6.16
C ASN A 53 -7.51 -6.03 4.91
N LYS A 54 -6.93 -5.54 3.81
CA LYS A 54 -6.81 -6.26 2.56
C LYS A 54 -5.34 -6.56 2.22
N ALA A 55 -5.13 -7.61 1.41
CA ALA A 55 -3.81 -8.15 1.05
C ALA A 55 -3.76 -8.33 -0.45
N PHE A 56 -2.60 -8.08 -1.02
CA PHE A 56 -2.28 -8.50 -2.39
C PHE A 56 -2.25 -10.01 -2.42
N ALA A 57 -2.98 -10.59 -3.37
CA ALA A 57 -3.24 -12.05 -3.46
C ALA A 57 -2.94 -12.59 -4.87
N VAL A 58 -1.89 -13.44 -4.95
CA VAL A 58 -1.41 -13.94 -6.18
C VAL A 58 -1.66 -15.39 -6.17
N THR A 59 -2.51 -15.86 -7.08
CA THR A 59 -2.80 -17.25 -7.19
C THR A 59 -1.82 -17.92 -8.17
N VAL A 60 -1.02 -18.84 -7.69
CA VAL A 60 -0.14 -19.65 -8.54
C VAL A 60 -0.99 -20.67 -9.27
N LEU A 61 -0.89 -20.68 -10.61
CA LEU A 61 -1.75 -21.54 -11.47
C LEU A 61 -1.00 -22.64 -12.26
N ASP A 62 0.24 -22.34 -12.66
CA ASP A 62 1.21 -23.26 -13.20
C ASP A 62 2.58 -22.80 -12.71
N LYS A 63 3.34 -23.74 -12.19
CA LYS A 63 4.59 -23.41 -11.49
C LYS A 63 5.69 -23.04 -12.51
N GLY A 64 5.53 -23.51 -13.73
CA GLY A 64 6.53 -23.25 -14.76
C GLY A 64 7.88 -23.93 -14.48
N GLN A 65 8.96 -23.49 -15.12
CA GLN A 65 10.19 -24.30 -15.16
C GLN A 65 11.21 -23.85 -14.12
N ASN A 66 11.18 -22.55 -13.72
CA ASN A 66 12.20 -21.93 -12.88
C ASN A 66 11.55 -21.19 -11.71
N ARG A 67 12.31 -20.81 -10.69
CA ARG A 67 11.66 -20.14 -9.58
C ARG A 67 11.11 -18.78 -9.99
N TRP A 68 11.77 -18.13 -10.96
CA TRP A 68 11.36 -16.84 -11.45
C TRP A 68 10.22 -16.94 -12.50
N SER A 69 9.72 -18.15 -12.73
CA SER A 69 8.61 -18.34 -13.68
C SER A 69 7.29 -17.71 -13.20
N VAL A 70 7.17 -17.56 -11.87
CA VAL A 70 6.02 -16.88 -11.27
C VAL A 70 6.55 -15.85 -10.29
N GLN A 71 6.17 -14.59 -10.49
CA GLN A 71 6.74 -13.50 -9.68
C GLN A 71 5.67 -12.54 -9.23
N MET A 72 5.86 -11.93 -8.08
CA MET A 72 5.17 -10.68 -7.75
C MET A 72 6.19 -9.65 -7.31
N ARG A 73 6.10 -8.46 -7.89
CA ARG A 73 7.19 -7.51 -7.80
C ARG A 73 6.73 -6.06 -7.88
N HIS A 74 7.67 -5.19 -7.52
CA HIS A 74 7.53 -3.75 -7.52
C HIS A 74 8.86 -3.22 -8.04
N ARG A 75 8.81 -2.57 -9.20
CA ARG A 75 9.98 -2.14 -9.93
C ARG A 75 10.21 -0.67 -9.71
N GLY A 76 11.25 -0.12 -10.32
CA GLY A 76 11.48 1.33 -10.32
C GLY A 76 12.25 1.79 -9.09
N LEU A 77 12.94 0.90 -8.37
CA LEU A 77 13.55 1.28 -7.10
C LEU A 77 15.03 1.59 -7.30
N THR A 78 15.55 2.48 -6.45
CA THR A 78 16.97 2.86 -6.45
C THR A 78 17.57 2.53 -5.10
N LEU A 79 18.57 1.63 -5.04
CA LEU A 79 19.24 1.38 -3.76
C LEU A 79 20.53 2.22 -3.83
N GLU A 80 20.83 2.96 -2.76
CA GLU A 80 21.89 3.99 -2.72
C GLU A 80 23.02 3.54 -1.83
N GLN A 81 24.24 3.64 -2.38
CA GLN A 81 25.41 3.17 -1.70
C GLN A 81 25.57 3.90 -0.39
N GLY A 82 25.91 3.12 0.62
CA GLY A 82 26.10 3.64 1.96
C GLY A 82 24.80 3.73 2.73
N HIS A 83 23.61 3.55 2.10
CA HIS A 83 22.34 3.70 2.84
C HIS A 83 21.97 2.38 3.52
N THR A 84 21.22 2.49 4.61
CA THR A 84 20.69 1.36 5.38
C THR A 84 19.18 1.22 5.16
N TYR A 85 18.74 0.02 4.82
CA TYR A 85 17.35 -0.13 4.43
C TYR A 85 16.71 -1.02 5.44
N ARG A 86 15.46 -0.75 5.79
CA ARG A 86 14.70 -1.67 6.64
C ARG A 86 13.60 -2.36 5.87
N VAL A 87 13.57 -3.67 5.92
CA VAL A 87 12.65 -4.51 5.14
C VAL A 87 11.59 -5.10 6.06
N ARG A 88 10.33 -4.83 5.73
N ARG A 88 10.32 -4.81 5.77
CA ARG A 88 9.21 -5.32 6.55
CA ARG A 88 9.20 -5.31 6.59
C ARG A 88 8.13 -5.85 5.63
C ARG A 88 8.10 -5.83 5.66
N LEU A 89 7.54 -6.98 6.00
CA LEU A 89 6.39 -7.50 5.27
C LEU A 89 5.76 -8.62 6.06
N LYS A 90 4.53 -8.95 5.71
CA LYS A 90 3.84 -10.12 6.17
C LYS A 90 3.44 -10.89 4.91
N ILE A 91 3.75 -12.20 4.88
CA ILE A 91 3.44 -13.07 3.74
C ILE A 91 2.99 -14.43 4.30
N TRP A 92 1.99 -15.03 3.64
CA TRP A 92 1.43 -16.32 3.99
C TRP A 92 0.77 -16.95 2.77
N ALA A 93 0.40 -18.23 2.86
CA ALA A 93 -0.16 -18.95 1.73
C ALA A 93 -1.24 -19.93 2.22
N ASP A 94 -2.18 -20.28 1.36
CA ASP A 94 -3.17 -21.29 1.76
C ASP A 94 -2.80 -22.71 1.25
N ALA A 95 -1.51 -22.90 0.93
CA ALA A 95 -0.90 -24.20 0.70
C ALA A 95 0.51 -24.06 1.17
N SER A 96 1.05 -25.14 1.69
CA SER A 96 2.45 -25.10 2.00
C SER A 96 3.33 -25.08 0.77
N CYS A 97 4.22 -24.09 0.76
CA CYS A 97 5.05 -23.79 -0.39
C CYS A 97 6.28 -23.10 0.11
N LYS A 98 7.04 -22.57 -0.82
CA LYS A 98 8.22 -21.73 -0.48
C LYS A 98 8.22 -20.48 -1.38
N VAL A 99 9.05 -19.50 -1.01
CA VAL A 99 9.19 -18.21 -1.74
C VAL A 99 10.58 -17.70 -1.63
N TYR A 100 11.11 -17.14 -2.71
CA TYR A 100 12.40 -16.55 -2.69
C TYR A 100 12.23 -15.07 -2.82
N ILE A 101 12.58 -14.35 -1.77
CA ILE A 101 12.36 -12.91 -1.73
C ILE A 101 13.72 -12.23 -1.92
N LYS A 102 13.76 -11.19 -2.76
CA LYS A 102 15.00 -10.47 -2.98
C LYS A 102 14.77 -9.03 -3.40
N ILE A 103 15.74 -8.18 -3.14
N ILE A 103 15.79 -8.20 -3.21
CA ILE A 103 15.77 -6.86 -3.74
CA ILE A 103 15.79 -6.82 -3.73
C ILE A 103 17.04 -6.84 -4.59
C ILE A 103 17.05 -6.59 -4.58
N GLY A 104 16.87 -6.59 -5.90
CA GLY A 104 17.97 -6.64 -6.84
C GLY A 104 17.64 -5.98 -8.16
N GLN A 105 18.63 -6.00 -9.03
CA GLN A 105 18.50 -5.54 -10.40
C GLN A 105 17.44 -6.36 -11.15
N MET A 106 16.62 -5.66 -11.93
N MET A 106 16.65 -5.66 -11.96
CA MET A 106 15.57 -6.31 -12.69
CA MET A 106 15.56 -6.24 -12.71
C MET A 106 16.11 -6.94 -13.97
C MET A 106 16.01 -6.78 -14.07
N GLY A 107 17.22 -6.41 -14.51
CA GLY A 107 17.87 -7.03 -15.71
C GLY A 107 19.30 -7.48 -15.44
N GLU A 108 19.97 -7.99 -16.48
CA GLU A 108 21.36 -8.54 -16.38
C GLU A 108 22.26 -7.48 -15.82
N PRO A 109 23.22 -7.87 -14.95
CA PRO A 109 23.56 -9.23 -14.53
C PRO A 109 22.78 -9.73 -13.30
N TYR A 110 21.62 -9.12 -13.03
CA TYR A 110 20.75 -9.55 -11.92
C TYR A 110 21.46 -9.60 -10.54
N ALA A 111 22.27 -8.58 -10.23
CA ALA A 111 22.87 -8.43 -8.87
C ALA A 111 21.81 -8.39 -7.78
N GLU A 112 21.97 -9.14 -6.72
CA GLU A 112 21.02 -9.22 -5.64
C GLU A 112 21.63 -8.52 -4.41
N TYR A 113 20.90 -7.56 -3.81
CA TYR A 113 21.44 -6.70 -2.79
C TYR A 113 20.93 -7.10 -1.40
N TRP A 114 19.75 -7.73 -1.32
CA TRP A 114 19.25 -8.42 -0.11
C TRP A 114 18.42 -9.62 -0.58
N ASN A 115 18.63 -10.77 0.02
CA ASN A 115 17.98 -12.00 -0.46
C ASN A 115 18.01 -13.07 0.58
N ASN A 116 17.96 -12.67 1.84
CA ASN A 116 18.05 -13.61 2.95
C ASN A 116 19.27 -14.60 2.79
N LYS A 117 20.41 -14.05 2.44
CA LYS A 117 21.63 -14.81 2.19
C LYS A 117 21.38 -15.99 1.28
N TRP A 118 20.69 -15.73 0.18
CA TRP A 118 20.46 -16.69 -0.88
C TRP A 118 19.50 -17.83 -0.51
N SER A 119 18.68 -17.69 0.52
CA SER A 119 17.85 -18.80 1.01
C SER A 119 16.41 -18.47 0.78
N PRO A 120 15.65 -19.37 0.15
CA PRO A 120 14.16 -19.24 0.11
C PRO A 120 13.57 -19.27 1.56
N TYR A 121 12.37 -18.75 1.71
CA TYR A 121 11.61 -18.93 2.92
C TYR A 121 10.56 -20.02 2.69
N THR A 122 10.13 -20.63 3.76
CA THR A 122 9.09 -21.66 3.72
C THR A 122 7.81 -21.03 4.18
N LEU A 123 6.71 -21.23 3.44
CA LEU A 123 5.41 -20.76 3.89
C LEU A 123 4.50 -21.94 4.18
N THR A 124 4.41 -22.33 5.45
CA THR A 124 3.48 -23.38 5.87
C THR A 124 2.04 -22.89 5.80
N ALA A 125 1.18 -23.75 5.28
CA ALA A 125 -0.23 -23.38 4.99
C ALA A 125 -0.83 -22.62 6.18
N GLY A 126 -1.25 -21.38 5.97
CA GLY A 126 -1.94 -20.59 7.01
C GLY A 126 -1.10 -19.87 8.05
N LYS A 127 0.20 -20.14 8.01
CA LYS A 127 1.14 -19.53 8.93
C LYS A 127 1.89 -18.31 8.31
N VAL A 128 1.77 -17.20 9.02
CA VAL A 128 2.25 -15.94 8.57
C VAL A 128 3.74 -15.86 8.84
N LEU A 129 4.51 -15.49 7.82
CA LEU A 129 5.87 -15.10 7.98
C LEU A 129 5.90 -13.58 8.03
N GLU A 130 6.48 -13.05 9.09
CA GLU A 130 6.72 -11.61 9.20
C GLU A 130 8.19 -11.30 9.17
N ILE A 131 8.62 -10.40 8.32
CA ILE A 131 10.01 -10.02 8.20
C ILE A 131 10.19 -8.63 8.74
N ASP A 132 11.25 -8.40 9.50
CA ASP A 132 11.61 -7.08 9.92
C ASP A 132 13.11 -6.96 10.17
N GLU A 133 13.87 -6.55 9.17
CA GLU A 133 15.31 -6.50 9.32
C GLU A 133 15.93 -5.48 8.41
N THR A 134 17.22 -5.20 8.64
CA THR A 134 17.94 -4.15 7.96
C THR A 134 19.10 -4.74 7.14
N PHE A 135 19.48 -4.01 6.10
CA PHE A 135 20.70 -4.35 5.36
C PHE A 135 21.30 -3.03 4.88
N VAL A 136 22.60 -3.05 4.63
CA VAL A 136 23.36 -1.91 4.08
C VAL A 136 23.62 -2.08 2.57
N MET A 137 23.35 -1.03 1.80
CA MET A 137 23.62 -1.06 0.37
C MET A 137 25.07 -0.61 0.26
N ASP A 138 25.96 -1.58 0.23
CA ASP A 138 27.38 -1.30 0.07
C ASP A 138 27.90 -1.39 -1.36
N LYS A 139 27.06 -1.79 -2.33
CA LYS A 139 27.42 -1.70 -3.74
C LYS A 139 27.06 -0.30 -4.27
N PRO A 140 27.60 0.07 -5.43
CA PRO A 140 27.31 1.40 -5.97
C PRO A 140 25.85 1.55 -6.36
N THR A 141 25.35 2.76 -6.24
CA THR A 141 23.98 3.10 -6.47
C THR A 141 23.45 2.52 -7.75
N ASP A 142 22.29 1.89 -7.66
CA ASP A 142 21.63 1.28 -8.81
C ASP A 142 20.18 1.62 -8.88
N ASP A 143 19.77 2.16 -10.02
CA ASP A 143 18.43 2.67 -10.21
C ASP A 143 17.50 1.72 -11.00
N THR A 144 17.83 0.43 -11.05
CA THR A 144 17.07 -0.57 -11.80
C THR A 144 16.64 -1.69 -10.84
N CYS A 145 16.45 -1.39 -9.56
CA CYS A 145 16.10 -2.46 -8.61
C CYS A 145 14.61 -2.76 -8.58
N GLU A 146 14.29 -3.96 -8.13
CA GLU A 146 12.93 -4.42 -7.88
C GLU A 146 12.92 -5.21 -6.57
N PHE A 147 11.81 -5.07 -5.82
CA PHE A 147 11.50 -5.88 -4.63
C PHE A 147 10.64 -7.00 -5.11
N THR A 148 11.17 -8.22 -5.18
CA THR A 148 10.45 -9.28 -5.90
C THR A 148 10.33 -10.59 -5.11
N PHE A 149 9.28 -11.35 -5.44
CA PHE A 149 9.03 -12.60 -4.74
C PHE A 149 8.93 -13.62 -5.84
N HIS A 150 9.84 -14.58 -5.87
CA HIS A 150 9.78 -15.67 -6.86
C HIS A 150 9.05 -16.90 -6.24
N LEU A 151 8.08 -17.44 -6.95
CA LEU A 151 7.17 -18.45 -6.39
C LEU A 151 7.20 -19.77 -7.22
N GLY A 152 7.91 -19.78 -8.34
CA GLY A 152 7.80 -20.80 -9.37
C GLY A 152 8.68 -21.99 -9.17
N GLY A 153 8.63 -22.88 -10.16
CA GLY A 153 9.53 -24.02 -10.27
C GLY A 153 9.50 -24.86 -9.03
N GLU A 154 10.69 -25.14 -8.54
CA GLU A 154 10.88 -25.99 -7.35
C GLU A 154 10.36 -25.41 -6.01
N LEU A 155 10.01 -24.13 -5.99
CA LEU A 155 9.52 -23.49 -4.77
C LEU A 155 8.02 -23.70 -4.59
N ALA A 156 7.36 -24.11 -5.66
CA ALA A 156 5.88 -24.12 -5.75
C ALA A 156 5.24 -25.41 -5.25
N ALA A 157 4.11 -25.27 -4.54
CA ALA A 157 3.25 -26.40 -4.24
C ALA A 157 2.40 -26.77 -5.46
N THR A 158 1.49 -27.72 -5.28
CA THR A 158 0.62 -28.16 -6.38
C THR A 158 -0.41 -27.06 -6.59
N PRO A 159 -0.45 -26.48 -7.79
CA PRO A 159 -1.43 -25.47 -8.02
C PRO A 159 -2.82 -26.02 -8.12
N PRO A 160 -3.81 -25.17 -7.89
CA PRO A 160 -3.75 -23.74 -7.62
C PRO A 160 -3.73 -23.42 -6.14
N TYR A 161 -3.06 -22.35 -5.76
CA TYR A 161 -3.11 -21.90 -4.36
C TYR A 161 -2.79 -20.44 -4.40
N THR A 162 -3.05 -19.73 -3.32
CA THR A 162 -2.81 -18.28 -3.28
C THR A 162 -1.82 -17.89 -2.21
N VAL A 163 -0.95 -16.96 -2.60
CA VAL A 163 0.05 -16.41 -1.73
C VAL A 163 -0.40 -14.95 -1.47
N TYR A 164 -0.41 -14.57 -0.21
CA TYR A 164 -0.81 -13.17 0.22
C TYR A 164 0.33 -12.32 0.70
N LEU A 165 0.29 -11.02 0.40
CA LEU A 165 1.29 -10.06 0.80
C LEU A 165 0.61 -8.82 1.42
N ASP A 166 1.22 -8.28 2.48
CA ASP A 166 0.61 -7.19 3.26
C ASP A 166 1.64 -6.45 4.08
N ASP A 167 1.37 -5.15 4.29
CA ASP A 167 2.20 -4.24 5.10
C ASP A 167 3.64 -4.40 4.71
N VAL A 168 3.86 -4.22 3.42
CA VAL A 168 5.16 -4.46 2.84
C VAL A 168 5.83 -3.12 2.74
N SER A 169 7.08 -3.03 3.19
CA SER A 169 7.76 -1.73 3.35
C SER A 169 9.26 -1.81 3.13
N LEU A 170 9.81 -0.77 2.48
CA LEU A 170 11.27 -0.60 2.34
C LEU A 170 11.69 0.80 2.77
N TYR A 171 12.14 0.90 4.00
CA TYR A 171 12.29 2.21 4.65
C TYR A 171 13.74 2.66 4.72
N ASP A 172 14.01 3.90 4.33
CA ASP A 172 15.32 4.54 4.44
C ASP A 172 15.12 5.95 4.98
N PRO A 173 15.56 6.25 6.22
CA PRO A 173 15.41 7.64 6.72
C PRO A 173 16.06 8.66 5.85
N GLU A 174 17.03 8.27 5.01
CA GLU A 174 17.60 9.30 4.21
C GLU A 174 16.95 9.36 2.83
N TYR A 175 15.82 8.69 2.64
CA TYR A 175 15.07 8.83 1.38
C TYR A 175 13.75 9.56 1.60
N THR A 176 13.42 10.41 0.66
CA THR A 176 12.12 11.10 0.57
C THR A 176 11.61 10.89 -0.82
N LYS A 177 10.35 10.44 -0.98
CA LYS A 177 9.76 10.21 -2.30
C LYS A 177 9.83 11.48 -3.14
N PRO A 178 10.03 11.33 -4.47
CA PRO A 178 9.86 12.46 -5.36
C PRO A 178 8.50 13.13 -5.13
N VAL A 179 8.45 14.42 -5.41
CA VAL A 179 7.29 15.26 -5.09
C VAL A 179 6.81 16.07 -6.29
N GLU A 180 5.53 16.40 -6.31
N GLU A 180 5.52 16.40 -6.25
CA GLU A 180 5.05 17.55 -7.08
CA GLU A 180 4.91 17.48 -7.02
C GLU A 180 4.57 18.54 -6.01
C GLU A 180 4.49 18.53 -6.00
N TYR A 181 4.66 19.81 -6.34
CA TYR A 181 4.22 20.86 -5.47
C TYR A 181 2.77 21.01 -5.81
N ILE A 182 1.98 21.24 -4.78
CA ILE A 182 0.56 21.42 -4.97
C ILE A 182 0.15 22.74 -4.36
N LEU A 183 -0.92 23.27 -4.96
CA LEU A 183 -1.54 24.47 -4.48
C LEU A 183 -2.07 24.28 -3.04
N PRO A 184 -2.20 25.40 -2.33
CA PRO A 184 -2.82 25.26 -1.02
C PRO A 184 -4.13 24.44 -1.15
N GLN A 185 -4.25 23.42 -0.33
CA GLN A 185 -5.38 22.47 -0.33
CA GLN A 185 -5.41 22.53 -0.44
C GLN A 185 -6.49 22.92 0.59
N PRO A 186 -7.72 22.48 0.34
CA PRO A 186 -8.76 22.82 1.32
C PRO A 186 -8.59 22.00 2.63
N ASP A 187 -9.44 22.30 3.60
CA ASP A 187 -9.22 21.76 4.94
C ASP A 187 -9.35 20.25 5.01
N VAL A 188 -10.23 19.71 4.16
CA VAL A 188 -10.40 18.25 4.08
C VAL A 188 -9.70 17.77 2.82
N ARG A 189 -8.81 16.81 2.99
CA ARG A 189 -8.03 16.29 1.90
C ARG A 189 -8.44 14.86 1.60
N VAL A 190 -8.86 14.66 0.36
CA VAL A 190 -9.36 13.37 -0.13
C VAL A 190 -8.54 12.90 -1.30
N ASN A 191 -8.72 11.63 -1.62
CA ASN A 191 -8.29 11.11 -2.90
C ASN A 191 -9.04 11.84 -4.00
N GLN A 192 -8.32 12.58 -4.82
CA GLN A 192 -8.97 13.36 -5.86
C GLN A 192 -9.69 12.61 -7.02
N VAL A 193 -9.44 11.33 -7.28
CA VAL A 193 -10.35 10.65 -8.19
C VAL A 193 -11.42 9.99 -7.35
N GLY A 194 -11.01 9.07 -6.48
CA GLY A 194 -11.95 8.59 -5.46
C GLY A 194 -11.62 7.29 -4.81
N TYR A 195 -12.69 6.55 -4.47
CA TYR A 195 -12.55 5.32 -3.69
C TYR A 195 -13.40 4.25 -4.31
N LEU A 196 -12.94 3.02 -4.17
CA LEU A 196 -13.80 1.88 -4.42
C LEU A 196 -14.78 1.70 -3.26
N PRO A 197 -16.00 1.23 -3.55
CA PRO A 197 -17.06 1.08 -2.53
C PRO A 197 -16.59 0.25 -1.33
N GLU A 198 -15.77 -0.74 -1.62
N GLU A 198 -15.84 -0.81 -1.59
CA GLU A 198 -15.35 -1.71 -0.65
CA GLU A 198 -15.38 -1.68 -0.52
C GLU A 198 -13.98 -1.35 -0.02
C GLU A 198 -13.96 -1.37 -0.02
N GLY A 199 -13.37 -0.24 -0.42
CA GLY A 199 -12.05 0.15 0.05
C GLY A 199 -12.10 0.93 1.35
N LYS A 200 -10.98 0.87 2.09
CA LYS A 200 -10.81 1.77 3.25
C LYS A 200 -10.82 3.23 2.77
N LYS A 201 -11.40 4.14 3.58
CA LYS A 201 -11.53 5.52 3.18
C LYS A 201 -11.23 6.35 4.40
N VAL A 202 -10.06 6.97 4.40
CA VAL A 202 -9.67 7.86 5.44
C VAL A 202 -9.23 9.18 4.82
N ALA A 203 -9.96 10.26 5.08
CA ALA A 203 -9.48 11.56 4.68
C ALA A 203 -8.68 12.20 5.82
N THR A 204 -7.88 13.21 5.45
CA THR A 204 -7.06 13.97 6.34
C THR A 204 -7.71 15.34 6.47
N VAL A 205 -7.82 15.83 7.71
CA VAL A 205 -8.40 17.14 8.00
C VAL A 205 -7.35 18.02 8.72
N VAL A 206 -7.21 19.27 8.32
CA VAL A 206 -6.42 20.19 9.13
C VAL A 206 -7.34 21.27 9.62
N CYS A 207 -7.25 21.56 10.92
CA CYS A 207 -8.05 22.63 11.50
C CYS A 207 -7.45 23.16 12.79
N ASN A 208 -7.96 24.29 13.24
CA ASN A 208 -7.50 24.95 14.46
C ASN A 208 -7.70 24.10 15.71
N SER A 209 -8.82 23.41 15.82
CA SER A 209 -9.19 22.67 17.04
C SER A 209 -8.29 21.45 17.33
N THR A 210 -7.84 21.33 18.57
N THR A 210 -7.85 21.32 18.56
CA THR A 210 -7.18 20.11 19.04
CA THR A 210 -7.16 20.12 19.01
C THR A 210 -8.19 18.99 19.31
C THR A 210 -8.18 19.00 19.37
N GLN A 211 -9.45 19.36 19.54
CA GLN A 211 -10.47 18.40 19.86
C GLN A 211 -11.23 17.93 18.60
N PRO A 212 -11.94 16.80 18.71
CA PRO A 212 -12.67 16.34 17.53
C PRO A 212 -13.67 17.38 16.93
N VAL A 213 -13.84 17.29 15.62
CA VAL A 213 -14.61 18.33 14.89
C VAL A 213 -15.64 17.63 14.07
N LYS A 214 -16.84 18.23 13.95
N LYS A 214 -16.84 18.21 13.96
CA LYS A 214 -17.96 17.64 13.20
CA LYS A 214 -17.92 17.59 13.19
C LYS A 214 -17.68 17.65 11.72
C LYS A 214 -17.61 17.63 11.72
N TRP A 215 -18.00 16.56 11.02
CA TRP A 215 -17.87 16.51 9.57
C TRP A 215 -19.13 15.97 8.96
N GLN A 216 -19.44 16.43 7.72
CA GLN A 216 -20.58 15.89 6.94
C GLN A 216 -20.12 15.59 5.53
N LEU A 217 -20.47 14.40 5.08
CA LEU A 217 -20.35 14.01 3.67
C LEU A 217 -21.65 14.38 3.00
N LYS A 218 -21.53 15.20 1.93
CA LYS A 218 -22.66 15.58 1.13
C LYS A 218 -22.46 15.01 -0.27
N ASN A 219 -23.56 14.70 -0.95
CA ASN A 219 -23.56 14.34 -2.33
C ASN A 219 -23.55 15.61 -3.16
N ALA A 220 -23.54 15.42 -4.47
CA ALA A 220 -23.43 16.49 -5.48
C ALA A 220 -24.59 17.52 -5.38
N ALA A 221 -25.75 17.05 -4.97
CA ALA A 221 -26.93 17.89 -4.78
C ALA A 221 -26.85 18.69 -3.47
N GLY A 222 -25.84 18.41 -2.60
CA GLY A 222 -25.62 19.12 -1.36
C GLY A 222 -26.40 18.54 -0.19
N VAL A 223 -26.94 17.34 -0.33
CA VAL A 223 -27.65 16.64 0.76
C VAL A 223 -26.68 15.83 1.63
N VAL A 224 -26.81 15.90 2.96
CA VAL A 224 -25.90 15.18 3.85
C VAL A 224 -26.28 13.71 3.77
N VAL A 225 -25.31 12.86 3.48
CA VAL A 225 -25.54 11.41 3.40
C VAL A 225 -24.81 10.60 4.54
N LEU A 226 -23.96 11.28 5.31
CA LEU A 226 -23.20 10.66 6.39
C LEU A 226 -22.57 11.74 7.24
N GLU A 227 -22.48 11.49 8.55
CA GLU A 227 -21.87 12.45 9.47
C GLU A 227 -20.96 11.72 10.40
N GLY A 228 -20.02 12.48 10.96
CA GLY A 228 -19.28 12.00 12.13
C GLY A 228 -18.48 13.06 12.83
N TYR A 229 -17.57 12.60 13.64
CA TYR A 229 -16.51 13.41 14.26
C TYR A 229 -15.14 12.87 13.82
N THR A 230 -14.19 13.78 13.60
CA THR A 230 -12.85 13.41 13.26
C THR A 230 -12.15 12.84 14.48
N GLU A 231 -11.00 12.22 14.22
CA GLU A 231 -10.12 11.68 15.21
C GLU A 231 -8.82 12.52 15.15
N PRO A 232 -8.61 13.42 16.16
CA PRO A 232 -7.32 14.15 16.24
C PRO A 232 -6.11 13.22 16.36
N LYS A 233 -5.08 13.52 15.56
CA LYS A 233 -3.82 12.78 15.52
C LYS A 233 -2.62 13.55 16.06
N GLY A 234 -2.41 14.80 15.68
CA GLY A 234 -1.22 15.57 16.12
C GLY A 234 -1.02 16.78 15.24
N LEU A 235 -0.04 17.60 15.57
CA LEU A 235 0.23 18.83 14.79
C LEU A 235 1.19 18.57 13.62
N ASP A 241 -1.61 24.19 11.50
CA ASP A 241 -2.53 23.83 12.59
C ASP A 241 -2.60 22.30 12.87
N TYR A 242 -3.76 21.77 13.26
CA TYR A 242 -3.85 20.42 13.81
C TYR A 242 -4.35 19.35 12.79
N VAL A 243 -3.64 18.22 12.70
CA VAL A 243 -3.96 17.15 11.76
C VAL A 243 -4.93 16.13 12.38
N HIS A 244 -6.07 15.92 11.74
CA HIS A 244 -7.04 14.90 12.16
C HIS A 244 -7.31 13.88 11.03
N TRP A 245 -7.81 12.70 11.39
CA TRP A 245 -8.27 11.72 10.40
C TRP A 245 -9.78 11.59 10.37
N LEU A 246 -10.31 11.32 9.19
CA LEU A 246 -11.71 11.22 9.00
C LEU A 246 -11.98 9.88 8.28
N ASP A 247 -12.43 8.87 9.05
CA ASP A 247 -12.64 7.51 8.54
C ASP A 247 -14.12 7.28 8.15
N PHE A 248 -14.36 7.07 6.84
CA PHE A 248 -15.70 6.78 6.32
C PHE A 248 -15.72 5.45 5.51
N SER A 249 -14.84 4.51 5.86
CA SER A 249 -14.69 3.24 5.17
C SER A 249 -15.99 2.43 4.95
N ASP A 250 -16.91 2.42 5.91
CA ASP A 250 -18.13 1.64 5.73
C ASP A 250 -19.07 2.24 4.71
N PHE A 251 -18.99 3.54 4.48
CA PHE A 251 -19.80 4.14 3.42
C PHE A 251 -19.41 3.52 2.04
N ALA A 252 -20.37 2.89 1.37
CA ALA A 252 -20.09 2.14 0.13
C ALA A 252 -20.97 2.57 -1.04
N THR A 253 -21.78 3.63 -0.90
CA THR A 253 -22.79 3.98 -1.90
C THR A 253 -22.09 4.69 -3.10
N GLU A 254 -22.15 4.11 -4.30
CA GLU A 254 -21.55 4.72 -5.48
C GLU A 254 -22.18 6.09 -5.82
N GLY A 255 -21.37 7.02 -6.31
CA GLY A 255 -21.87 8.35 -6.74
C GLY A 255 -20.69 9.20 -7.18
N ILE A 256 -21.01 10.32 -7.81
CA ILE A 256 -20.05 11.23 -8.42
C ILE A 256 -20.20 12.59 -7.73
N GLY A 257 -19.12 13.30 -7.44
CA GLY A 257 -19.24 14.63 -6.89
C GLY A 257 -19.61 14.74 -5.42
N TYR A 258 -19.29 13.71 -4.64
CA TYR A 258 -19.34 13.83 -3.19
C TYR A 258 -18.35 14.88 -2.73
N TYR A 259 -18.61 15.48 -1.57
CA TYR A 259 -17.63 16.35 -0.91
C TYR A 259 -17.94 16.49 0.57
N PHE A 260 -16.91 16.73 1.37
CA PHE A 260 -17.10 17.04 2.79
C PHE A 260 -17.24 18.51 3.09
N GLU A 261 -17.90 18.79 4.22
N GLU A 261 -17.88 18.79 4.23
CA GLU A 261 -17.93 20.11 4.83
CA GLU A 261 -17.92 20.11 4.82
C GLU A 261 -17.70 19.95 6.32
C GLU A 261 -17.72 19.97 6.32
N LEU A 262 -17.02 20.93 6.91
CA LEU A 262 -16.84 21.01 8.36
C LEU A 262 -17.74 22.16 8.92
N PRO A 263 -19.00 21.84 9.28
CA PRO A 263 -19.97 22.95 9.50
C PRO A 263 -19.64 23.92 10.62
N THR A 264 -18.78 23.56 11.57
CA THR A 264 -18.59 24.43 12.78
C THR A 264 -17.26 25.18 12.67
N VAL A 265 -16.48 24.82 11.66
CA VAL A 265 -15.13 25.28 11.54
C VAL A 265 -15.21 26.63 10.86
N ASN A 266 -14.54 27.61 11.45
CA ASN A 266 -14.60 28.99 11.01
C ASN A 266 -13.48 29.19 10.02
N SER A 267 -13.67 28.65 8.82
CA SER A 267 -12.62 28.67 7.80
C SER A 267 -13.28 28.85 6.45
N PRO A 268 -12.72 29.73 5.62
CA PRO A 268 -13.31 29.81 4.29
C PRO A 268 -13.04 28.54 3.43
N THR A 269 -12.13 27.65 3.86
CA THR A 269 -11.82 26.45 3.11
C THR A 269 -12.23 25.17 3.82
N ASN A 270 -13.41 25.25 4.47
CA ASN A 270 -13.87 24.22 5.38
C ASN A 270 -14.59 23.09 4.64
N TYR A 271 -13.99 22.60 3.58
CA TYR A 271 -14.63 21.55 2.72
C TYR A 271 -13.54 20.66 2.12
N SER A 272 -13.94 19.65 1.34
CA SER A 272 -12.97 18.96 0.45
C SER A 272 -13.32 19.24 -1.00
N HIS A 273 -12.38 18.89 -1.89
CA HIS A 273 -12.66 18.89 -3.29
C HIS A 273 -13.66 17.77 -3.53
N PRO A 274 -14.31 17.82 -4.69
CA PRO A 274 -15.19 16.74 -5.03
C PRO A 274 -14.46 15.40 -5.34
N PHE A 275 -15.11 14.29 -5.04
CA PHE A 275 -14.59 12.98 -5.40
C PHE A 275 -15.71 11.98 -5.67
N ASP A 276 -15.32 10.80 -6.20
CA ASP A 276 -16.30 9.75 -6.57
C ASP A 276 -16.11 8.46 -5.71
N ILE A 277 -17.19 7.74 -5.44
CA ILE A 277 -17.11 6.35 -5.02
C ILE A 277 -17.64 5.52 -6.22
N ARG A 278 -16.78 4.65 -6.76
CA ARG A 278 -17.21 3.82 -7.86
C ARG A 278 -16.23 2.74 -8.17
N LYS A 279 -16.72 1.75 -8.88
CA LYS A 279 -15.98 0.52 -9.14
C LYS A 279 -14.79 0.65 -10.11
N ASP A 280 -14.83 1.61 -11.04
CA ASP A 280 -13.71 1.85 -12.00
C ASP A 280 -12.32 1.99 -11.34
C2 BGC B . 16.67 -15.11 -15.05
C3 BGC B . 15.69 -14.13 -15.67
C4 BGC B . 14.81 -13.53 -14.58
C5 BGC B . 15.57 -13.14 -13.30
C6 BGC B . 14.65 -12.59 -12.21
C1 BGC B . 17.30 -14.54 -13.78
O1 BGC B . 18.23 -15.48 -13.23
O2 BGC B . 17.65 -15.44 -16.04
O3 BGC B . 14.96 -14.80 -16.70
O4 BGC B . 14.29 -12.31 -15.04
O5 BGC B . 16.28 -14.26 -12.83
O6 BGC B . 15.36 -12.29 -10.99
C2 BGC B . 12.51 -11.06 -15.70
C3 BGC B . 11.34 -10.91 -16.67
C4 BGC B . 11.84 -11.31 -18.08
C5 BGC B . 12.46 -12.70 -18.02
C6 BGC B . 12.91 -13.29 -19.36
C1 BGC B . 13.16 -12.41 -15.84
O2 BGC B . 12.12 -10.95 -14.33
O3 BGC B . 10.83 -9.59 -16.64
O4 BGC B . 10.70 -11.25 -18.99
O5 BGC B . 13.59 -12.62 -17.16
O6 BGC B . 13.99 -12.52 -19.88
MG MG C . -3.50 -4.57 4.10
MG MG D . -2.18 3.31 -1.90
NI NI E . 23.34 9.10 0.34
C1 OXL F . 18.06 10.63 -1.65
C2 OXL F . 16.79 11.23 -2.04
O1 OXL F . 18.11 9.68 -0.82
O2 OXL F . 15.97 11.65 -1.16
O3 OXL F . 19.06 11.09 -2.24
O4 OXL F . 16.60 11.27 -3.27
P XGP G . 18.82 -15.59 -11.67
C1 XGP G . 17.32 -14.69 -13.58
C2 XGP G . 16.87 -15.21 -14.95
O2 XGP G . 17.99 -15.81 -15.62
C3 XGP G . 16.23 -14.10 -15.74
O3 XGP G . 15.66 -14.62 -16.92
C4 XGP G . 15.12 -13.55 -14.82
O4 XGP G . 14.32 -12.56 -15.48
C5 XGP G . 15.76 -12.99 -13.54
O5 XGP G . 16.21 -14.13 -12.83
C6 XGP G . 14.75 -12.12 -12.72
O6 XGP G . 14.98 -12.23 -11.29
O1 XGP G . 17.88 -15.84 -12.96
OP2 XGP G . 18.10 -14.86 -10.57
OP3 XGP G . 20.18 -14.88 -12.18
OP4 XGP G . 19.21 -17.10 -11.20
#